data_8XE9
#
_entry.id   8XE9
#
_cell.length_a   1.00
_cell.length_b   1.00
_cell.length_c   1.00
_cell.angle_alpha   90.00
_cell.angle_beta   90.00
_cell.angle_gamma   90.00
#
_symmetry.space_group_name_H-M   'P 1'
#
loop_
_entity.id
_entity.type
_entity.pdbx_description
1 polymer 'BD55-1205 heavy chain'
2 polymer 'BD55-1205 light chain'
3 polymer "Spike protein S2'"
#
loop_
_entity_poly.entity_id
_entity_poly.type
_entity_poly.pdbx_seq_one_letter_code
_entity_poly.pdbx_strand_id
1 'polypeptide(L)'
;EVQLVESGGGLVQPGGSLRLSCAVSGFTVSRNYMTWARQAPGKGPEWVSVIYPGGSTFYADSVKGRFTISRDSSKNILYL
QMNSLRVDDTAVYYCARDLTIRGEASWGQGTLVTVSS
;
A
2 'polypeptide(L)'
;EIVMTQSPATLAVSPGERATLSCRASESFNSNLAWYQQKPGQAPRLLIYGASTRASDVPARFSGSGSGTEFTLTISSVQS
EDFAVYYCQQYGDWPLWTFGQGTKVEI
;
B
3 'polypeptide(L)'
;NLCPFHEVFNATTFASVYAWNRKRISNCVADYSVIYNFAPFFAFKCYGVSPTKLNDLCFTNVYADSFVIRGNEVSQIAPG
QTGNIADYNYKLPDDFTGCVIAWNSNKLDSKPSGNYNYLYRLFRKSKLKPFERDISTEIYQAGNKPCNGVAGPNCYSPLQ
SYGFRPTYGVGHQPYRVVVLSFELLHAPATVCGPKK
;
C
#
# COMPACT_ATOMS: atom_id res chain seq x y z
N GLU A 1 -23.91 8.41 3.66
CA GLU A 1 -24.11 8.30 2.22
C GLU A 1 -22.97 8.98 1.46
N VAL A 2 -21.93 8.21 1.18
CA VAL A 2 -20.78 8.72 0.43
C VAL A 2 -21.17 8.78 -1.05
N GLN A 3 -21.00 9.95 -1.66
CA GLN A 3 -21.30 10.11 -3.08
C GLN A 3 -20.16 10.84 -3.77
N LEU A 4 -19.86 10.39 -4.99
CA LEU A 4 -18.82 10.99 -5.82
C LEU A 4 -19.39 11.22 -7.21
N VAL A 5 -19.23 12.44 -7.72
CA VAL A 5 -19.73 12.81 -9.04
C VAL A 5 -18.55 13.25 -9.90
N GLU A 6 -18.37 12.59 -11.03
CA GLU A 6 -17.33 12.93 -11.99
C GLU A 6 -17.86 13.95 -12.98
N SER A 7 -16.95 14.74 -13.54
CA SER A 7 -17.29 15.71 -14.58
C SER A 7 -16.05 16.01 -15.40
N GLY A 8 -16.27 16.56 -16.59
CA GLY A 8 -15.19 16.91 -17.48
C GLY A 8 -14.94 15.92 -18.61
N GLY A 9 -15.73 14.85 -18.70
CA GLY A 9 -15.56 13.92 -19.79
C GLY A 9 -16.06 14.48 -21.11
N GLY A 10 -15.57 13.90 -22.19
CA GLY A 10 -15.97 14.33 -23.51
C GLY A 10 -15.00 13.81 -24.56
N LEU A 11 -15.05 14.46 -25.72
CA LEU A 11 -14.23 14.09 -26.86
C LEU A 11 -13.11 15.11 -27.03
N VAL A 12 -11.87 14.62 -27.13
CA VAL A 12 -10.70 15.48 -27.31
C VAL A 12 -9.78 14.82 -28.32
N GLN A 13 -9.22 15.63 -29.21
CA GLN A 13 -8.28 15.12 -30.21
C GLN A 13 -7.01 14.61 -29.53
N PRO A 14 -6.33 13.65 -30.15
CA PRO A 14 -5.11 13.11 -29.54
C PRO A 14 -4.07 14.21 -29.32
N GLY A 15 -3.37 14.10 -28.19
CA GLY A 15 -2.40 15.11 -27.80
C GLY A 15 -2.98 16.30 -27.05
N GLY A 16 -4.28 16.32 -26.80
CA GLY A 16 -4.91 17.43 -26.12
C GLY A 16 -4.82 17.30 -24.61
N SER A 17 -5.53 18.21 -23.93
CA SER A 17 -5.58 18.26 -22.48
C SER A 17 -7.02 18.22 -22.01
N LEU A 18 -7.25 17.63 -20.84
CA LEU A 18 -8.60 17.52 -20.31
C LEU A 18 -8.54 17.48 -18.79
N ARG A 19 -9.39 18.28 -18.14
CA ARG A 19 -9.41 18.37 -16.69
C ARG A 19 -10.67 17.68 -16.18
N LEU A 20 -10.49 16.63 -15.38
CA LEU A 20 -11.58 15.87 -14.80
C LEU A 20 -11.77 16.29 -13.36
N SER A 21 -12.98 16.74 -13.03
CA SER A 21 -13.33 17.16 -11.69
C SER A 21 -14.13 16.07 -10.98
N CYS A 22 -14.00 16.04 -9.66
CA CYS A 22 -14.66 15.00 -8.85
C CYS A 22 -15.22 15.68 -7.60
N ALA A 23 -16.53 15.91 -7.60
CA ALA A 23 -17.22 16.47 -6.45
C ALA A 23 -17.51 15.33 -5.48
N VAL A 24 -16.97 15.42 -4.27
CA VAL A 24 -17.09 14.36 -3.27
C VAL A 24 -17.89 14.91 -2.10
N SER A 25 -18.96 14.20 -1.73
CA SER A 25 -19.77 14.57 -0.59
C SER A 25 -19.89 13.38 0.35
N GLY A 26 -19.64 13.62 1.63
CA GLY A 26 -19.66 12.58 2.66
C GLY A 26 -18.44 12.56 3.56
N PHE A 27 -17.29 13.05 3.08
CA PHE A 27 -16.07 13.09 3.88
C PHE A 27 -15.14 14.14 3.26
N THR A 28 -13.88 14.12 3.68
CA THR A 28 -12.89 15.10 3.25
C THR A 28 -11.94 14.46 2.24
N VAL A 29 -11.69 15.15 1.13
CA VAL A 29 -10.78 14.64 0.11
C VAL A 29 -9.31 14.82 0.47
N SER A 30 -9.01 15.66 1.46
CA SER A 30 -7.62 15.91 1.86
C SER A 30 -7.19 15.04 3.03
N ARG A 31 -8.00 14.07 3.44
CA ARG A 31 -7.66 13.20 4.56
C ARG A 31 -7.91 11.74 4.25
N ASN A 32 -7.97 11.37 2.97
CA ASN A 32 -8.22 10.00 2.57
C ASN A 32 -7.44 9.68 1.30
N TYR A 33 -7.14 8.40 1.12
CA TYR A 33 -6.47 7.92 -0.10
C TYR A 33 -7.47 8.01 -1.25
N MET A 34 -7.15 8.81 -2.26
CA MET A 34 -8.02 8.95 -3.41
C MET A 34 -7.34 8.39 -4.66
N THR A 35 -8.04 7.50 -5.36
CA THR A 35 -7.53 6.88 -6.56
C THR A 35 -8.40 7.24 -7.76
N TRP A 36 -7.77 7.40 -8.91
CA TRP A 36 -8.44 7.67 -10.17
C TRP A 36 -8.32 6.40 -11.02
N ALA A 37 -9.34 5.55 -10.93
CA ALA A 37 -9.29 4.29 -11.67
C ALA A 37 -9.83 4.49 -13.08
N ARG A 38 -9.36 3.64 -13.99
CA ARG A 38 -9.74 3.72 -15.39
C ARG A 38 -10.14 2.34 -15.88
N GLN A 39 -11.31 2.25 -16.52
CA GLN A 39 -11.83 1.00 -17.04
C GLN A 39 -12.00 1.13 -18.55
N ALA A 40 -11.31 0.27 -19.29
CA ALA A 40 -11.53 0.20 -20.72
C ALA A 40 -12.88 -0.44 -21.01
N PRO A 41 -13.49 -0.15 -22.16
CA PRO A 41 -14.85 -0.67 -22.42
C PRO A 41 -14.87 -2.16 -22.74
N GLY A 42 -13.75 -2.86 -22.55
CA GLY A 42 -13.71 -4.27 -22.88
C GLY A 42 -12.96 -5.14 -21.88
N LYS A 43 -12.51 -4.58 -20.77
CA LYS A 43 -11.75 -5.33 -19.79
C LYS A 43 -12.00 -4.73 -18.41
N GLY A 44 -11.26 -5.23 -17.42
CA GLY A 44 -11.42 -4.80 -16.05
C GLY A 44 -10.76 -3.46 -15.78
N PRO A 45 -11.22 -2.78 -14.73
CA PRO A 45 -10.64 -1.47 -14.39
C PRO A 45 -9.18 -1.60 -14.01
N GLU A 46 -8.42 -0.54 -14.32
CA GLU A 46 -7.00 -0.48 -13.99
C GLU A 46 -6.69 0.83 -13.29
N TRP A 47 -5.77 0.78 -12.34
CA TRP A 47 -5.40 1.96 -11.58
C TRP A 47 -4.53 2.89 -12.41
N VAL A 48 -4.76 4.19 -12.28
CA VAL A 48 -4.01 5.22 -12.99
C VAL A 48 -3.18 6.07 -12.03
N SER A 49 -3.82 6.66 -11.02
CA SER A 49 -3.13 7.55 -10.11
C SER A 49 -3.75 7.44 -8.72
N VAL A 50 -2.98 7.81 -7.72
CA VAL A 50 -3.43 7.77 -6.33
C VAL A 50 -2.74 8.88 -5.56
N ILE A 51 -3.47 9.48 -4.62
CA ILE A 51 -2.96 10.53 -3.76
C ILE A 51 -3.22 10.13 -2.31
N TYR A 52 -2.18 10.25 -1.49
CA TYR A 52 -2.22 9.92 -0.08
C TYR A 52 -2.79 11.08 0.72
N PRO A 53 -3.23 10.84 1.97
CA PRO A 53 -3.74 11.95 2.78
C PRO A 53 -2.63 12.86 3.31
N GLY A 54 -1.40 12.59 2.91
CA GLY A 54 -0.29 13.44 3.30
C GLY A 54 0.11 14.41 2.20
N GLY A 55 0.05 13.96 0.96
CA GLY A 55 0.41 14.80 -0.16
C GLY A 55 1.16 14.05 -1.24
N SER A 56 1.67 12.87 -0.90
CA SER A 56 2.41 12.05 -1.87
C SER A 56 1.47 11.55 -2.96
N THR A 57 1.96 11.58 -4.20
CA THR A 57 1.19 11.14 -5.36
C THR A 57 1.94 10.04 -6.09
N PHE A 58 1.21 9.04 -6.56
CA PHE A 58 1.77 7.96 -7.35
C PHE A 58 0.99 7.82 -8.65
N TYR A 59 1.68 7.46 -9.72
CA TYR A 59 1.08 7.30 -11.02
C TYR A 59 1.40 5.91 -11.59
N ALA A 60 0.56 5.46 -12.50
CA ALA A 60 0.81 4.21 -13.20
C ALA A 60 1.97 4.37 -14.16
N ASP A 61 2.58 3.23 -14.52
CA ASP A 61 3.74 3.25 -15.41
C ASP A 61 3.37 3.80 -16.78
N SER A 62 2.21 3.40 -17.31
CA SER A 62 1.80 3.80 -18.65
C SER A 62 1.37 5.25 -18.71
N VAL A 63 1.13 5.91 -17.58
CA VAL A 63 0.64 7.28 -17.55
C VAL A 63 1.57 8.23 -16.82
N LYS A 64 2.75 7.76 -16.39
CA LYS A 64 3.66 8.60 -15.64
C LYS A 64 4.17 9.75 -16.50
N GLY A 65 4.24 10.94 -15.91
CA GLY A 65 4.73 12.11 -16.59
C GLY A 65 3.73 12.83 -17.47
N ARG A 66 2.48 12.40 -17.48
CA ARG A 66 1.45 13.03 -18.30
C ARG A 66 0.26 13.54 -17.50
N PHE A 67 -0.18 12.81 -16.50
CA PHE A 67 -1.38 13.16 -15.74
C PHE A 67 -0.95 13.76 -14.40
N THR A 68 -1.65 14.81 -13.96
CA THR A 68 -1.33 15.45 -12.68
C THR A 68 -2.56 15.40 -11.78
N ILE A 69 -2.43 14.78 -10.62
CA ILE A 69 -3.57 14.67 -9.70
C ILE A 69 -3.43 15.72 -8.61
N SER A 70 -4.53 16.43 -8.34
CA SER A 70 -4.53 17.53 -7.39
C SER A 70 -5.78 17.47 -6.53
N ARG A 71 -5.78 18.22 -5.43
CA ARG A 71 -6.91 18.24 -4.52
C ARG A 71 -7.17 19.68 -4.10
N ASP A 72 -8.43 19.93 -3.71
CA ASP A 72 -8.88 21.23 -3.22
C ASP A 72 -9.74 20.97 -2.00
N SER A 73 -9.17 21.17 -0.81
CA SER A 73 -9.91 20.91 0.42
C SER A 73 -10.92 22.01 0.71
N SER A 74 -10.74 23.19 0.12
CA SER A 74 -11.69 24.28 0.33
C SER A 74 -13.07 23.91 -0.21
N LYS A 75 -13.12 23.28 -1.38
CA LYS A 75 -14.37 22.83 -1.96
C LYS A 75 -14.49 21.31 -2.00
N ASN A 76 -13.54 20.58 -1.42
CA ASN A 76 -13.58 19.13 -1.32
C ASN A 76 -13.71 18.49 -2.69
N ILE A 77 -12.73 18.78 -3.55
CA ILE A 77 -12.77 18.39 -4.96
C ILE A 77 -11.45 17.75 -5.34
N LEU A 78 -11.52 16.65 -6.10
CA LEU A 78 -10.35 15.99 -6.64
C LEU A 78 -10.25 16.29 -8.13
N TYR A 79 -9.08 16.76 -8.57
CA TYR A 79 -8.85 17.12 -9.96
C TYR A 79 -7.82 16.18 -10.59
N LEU A 80 -8.02 15.88 -11.87
CA LEU A 80 -7.03 15.15 -12.64
C LEU A 80 -6.79 15.91 -13.94
N GLN A 81 -5.55 16.31 -14.17
CA GLN A 81 -5.18 17.02 -15.40
C GLN A 81 -4.59 16.05 -16.40
N MET A 82 -5.02 16.18 -17.65
CA MET A 82 -4.82 15.22 -18.72
C MET A 82 -3.97 15.88 -19.80
N ASN A 83 -2.76 15.39 -19.99
CA ASN A 83 -1.84 15.96 -20.98
C ASN A 83 -1.30 14.86 -21.88
N SER A 84 -1.04 15.23 -23.13
CA SER A 84 -0.53 14.32 -24.15
C SER A 84 -1.41 13.08 -24.27
N LEU A 85 -2.72 13.33 -24.34
CA LEU A 85 -3.68 12.23 -24.43
C LEU A 85 -3.52 11.48 -25.74
N ARG A 86 -3.70 10.16 -25.67
CA ARG A 86 -3.56 9.28 -26.82
C ARG A 86 -4.88 8.56 -27.09
N VAL A 87 -4.94 7.91 -28.25
CA VAL A 87 -6.13 7.14 -28.60
C VAL A 87 -6.30 5.97 -27.65
N ASP A 88 -5.21 5.49 -27.06
CA ASP A 88 -5.24 4.39 -26.09
C ASP A 88 -6.10 4.73 -24.89
N ASP A 89 -6.06 5.97 -24.40
CA ASP A 89 -6.66 6.34 -23.13
C ASP A 89 -8.17 6.59 -23.22
N THR A 90 -8.84 6.06 -24.24
CA THR A 90 -10.29 6.12 -24.31
C THR A 90 -10.85 5.07 -23.34
N ALA A 91 -11.64 5.52 -22.38
CA ALA A 91 -12.09 4.64 -21.30
C ALA A 91 -13.17 5.36 -20.50
N VAL A 92 -13.53 4.78 -19.35
CA VAL A 92 -14.39 5.42 -18.37
C VAL A 92 -13.59 5.57 -17.08
N TYR A 93 -13.61 6.78 -16.51
CA TYR A 93 -12.81 7.10 -15.34
C TYR A 93 -13.69 7.20 -14.11
N TYR A 94 -13.23 6.59 -13.01
CA TYR A 94 -13.94 6.58 -11.74
C TYR A 94 -13.06 7.16 -10.65
N CYS A 95 -13.69 7.86 -9.71
CA CYS A 95 -13.02 8.20 -8.47
C CYS A 95 -13.21 7.07 -7.46
N ALA A 96 -12.30 6.96 -6.51
CA ALA A 96 -12.43 5.90 -5.51
C ALA A 96 -11.74 6.32 -4.22
N ARG A 97 -12.50 6.37 -3.14
CA ARG A 97 -11.93 6.35 -1.80
C ARG A 97 -11.70 4.87 -1.47
N ASP A 98 -10.51 4.37 -1.81
CA ASP A 98 -10.28 2.93 -1.90
C ASP A 98 -10.51 2.22 -0.57
N LEU A 99 -9.64 2.48 0.41
CA LEU A 99 -9.71 1.87 1.74
C LEU A 99 -10.18 0.42 1.68
N THR A 100 -9.57 -0.35 0.78
CA THR A 100 -10.00 -1.72 0.58
C THR A 100 -9.65 -2.59 1.78
N ILE A 101 -8.57 -2.27 2.48
CA ILE A 101 -8.15 -3.09 3.62
C ILE A 101 -9.18 -3.04 4.74
N ARG A 102 -9.81 -1.88 4.93
CA ARG A 102 -10.83 -1.73 5.96
C ARG A 102 -12.21 -2.17 5.49
N GLY A 103 -12.33 -2.64 4.25
CA GLY A 103 -13.61 -3.12 3.75
C GLY A 103 -14.60 -2.04 3.40
N GLU A 104 -14.14 -0.81 3.15
CA GLU A 104 -15.01 0.29 2.76
C GLU A 104 -14.46 0.91 1.48
N ALA A 105 -15.05 0.55 0.34
CA ALA A 105 -14.66 1.08 -0.96
C ALA A 105 -15.86 1.70 -1.63
N SER A 106 -15.74 2.98 -2.00
CA SER A 106 -16.80 3.70 -2.68
C SER A 106 -16.26 4.19 -4.02
N TRP A 107 -16.97 3.88 -5.10
CA TRP A 107 -16.58 4.27 -6.44
C TRP A 107 -17.62 5.23 -7.01
N GLY A 108 -17.14 6.27 -7.67
CA GLY A 108 -18.04 7.24 -8.27
C GLY A 108 -18.73 6.71 -9.51
N GLN A 109 -19.66 7.52 -10.02
CA GLN A 109 -20.40 7.11 -11.20
C GLN A 109 -19.48 6.93 -12.40
N GLY A 110 -18.50 7.82 -12.55
CA GLY A 110 -17.56 7.71 -13.64
C GLY A 110 -17.97 8.50 -14.86
N THR A 111 -16.99 8.92 -15.66
CA THR A 111 -17.26 9.70 -16.86
C THR A 111 -16.51 9.12 -18.04
N LEU A 112 -17.08 9.29 -19.24
CA LEU A 112 -16.53 8.74 -20.46
C LEU A 112 -15.53 9.70 -21.08
N VAL A 113 -14.32 9.22 -21.34
CA VAL A 113 -13.29 10.00 -22.02
C VAL A 113 -12.98 9.30 -23.33
N THR A 114 -13.22 10.00 -24.43
CA THR A 114 -13.03 9.46 -25.78
C THR A 114 -11.98 10.30 -26.51
N VAL A 115 -10.97 9.64 -27.04
CA VAL A 115 -9.91 10.29 -27.81
C VAL A 115 -9.88 9.65 -29.18
N SER A 116 -10.18 10.44 -30.21
CA SER A 116 -10.18 9.94 -31.59
C SER A 116 -10.05 11.13 -32.53
N SER A 117 -9.74 10.82 -33.79
CA SER A 117 -9.60 11.85 -34.80
C SER A 117 -10.65 11.68 -35.91
N GLU B 1 4.21 -6.50 -12.14
CA GLU B 1 3.37 -6.73 -10.98
C GLU B 1 2.54 -8.00 -11.14
N ILE B 2 1.69 -8.28 -10.16
CA ILE B 2 0.89 -9.50 -10.20
C ILE B 2 -0.19 -9.37 -11.26
N VAL B 3 -0.31 -10.39 -12.10
CA VAL B 3 -1.38 -10.47 -13.09
C VAL B 3 -2.37 -11.51 -12.61
N MET B 4 -3.66 -11.23 -12.76
CA MET B 4 -4.72 -12.04 -12.19
C MET B 4 -5.67 -12.48 -13.31
N THR B 5 -5.92 -13.79 -13.39
CA THR B 5 -6.79 -14.33 -14.42
C THR B 5 -7.90 -15.15 -13.77
N GLN B 6 -9.14 -14.89 -14.15
CA GLN B 6 -10.27 -15.64 -13.62
C GLN B 6 -10.97 -16.42 -14.74
N SER B 7 -11.29 -17.67 -14.45
CA SER B 7 -11.97 -18.57 -15.36
C SER B 7 -13.07 -19.30 -14.63
N PRO B 8 -14.16 -19.69 -15.32
CA PRO B 8 -14.43 -19.49 -16.75
C PRO B 8 -14.89 -18.06 -17.04
N ALA B 9 -14.78 -17.61 -18.29
CA ALA B 9 -15.16 -16.24 -18.63
C ALA B 9 -16.63 -16.11 -19.04
N THR B 10 -17.34 -17.22 -19.22
CA THR B 10 -18.74 -17.18 -19.63
C THR B 10 -19.53 -18.17 -18.76
N LEU B 11 -19.42 -18.02 -17.44
CA LEU B 11 -20.18 -18.86 -16.54
C LEU B 11 -21.67 -18.65 -16.75
N ALA B 12 -22.42 -19.76 -16.85
CA ALA B 12 -23.86 -19.71 -17.05
C ALA B 12 -24.52 -20.66 -16.06
N VAL B 13 -25.38 -20.12 -15.20
CA VAL B 13 -26.07 -20.90 -14.18
C VAL B 13 -27.51 -20.42 -14.10
N SER B 14 -28.44 -21.37 -14.04
CA SER B 14 -29.85 -21.02 -13.90
C SER B 14 -30.11 -20.44 -12.51
N PRO B 15 -31.12 -19.60 -12.37
CA PRO B 15 -31.39 -18.98 -11.06
C PRO B 15 -31.70 -20.02 -10.00
N GLY B 16 -31.25 -19.76 -8.78
CA GLY B 16 -31.46 -20.66 -7.67
C GLY B 16 -30.49 -21.80 -7.56
N GLU B 17 -29.38 -21.77 -8.30
CA GLU B 17 -28.40 -22.84 -8.28
C GLU B 17 -27.03 -22.28 -7.94
N ARG B 18 -26.18 -23.16 -7.39
CA ARG B 18 -24.84 -22.76 -6.96
C ARG B 18 -23.98 -22.37 -8.14
N ALA B 19 -23.17 -21.34 -7.97
CA ALA B 19 -22.19 -20.90 -8.96
C ALA B 19 -20.83 -20.83 -8.29
N THR B 20 -19.82 -21.42 -8.91
CA THR B 20 -18.48 -21.52 -8.35
C THR B 20 -17.51 -20.78 -9.26
N LEU B 21 -17.15 -19.57 -8.87
CA LEU B 21 -16.16 -18.80 -9.61
C LEU B 21 -14.75 -19.19 -9.16
N SER B 22 -13.75 -18.69 -9.90
CA SER B 22 -12.37 -19.02 -9.58
C SER B 22 -11.45 -17.92 -10.12
N CYS B 23 -10.44 -17.57 -9.33
CA CYS B 23 -9.41 -16.64 -9.74
C CYS B 23 -8.04 -17.26 -9.50
N ARG B 24 -7.04 -16.80 -10.25
CA ARG B 24 -5.70 -17.34 -10.20
C ARG B 24 -4.70 -16.21 -10.30
N ALA B 25 -3.66 -16.27 -9.47
CA ALA B 25 -2.64 -15.25 -9.41
C ALA B 25 -1.32 -15.77 -9.99
N SER B 26 -0.59 -14.86 -10.64
CA SER B 26 0.70 -15.24 -11.22
C SER B 26 1.70 -15.64 -10.14
N GLU B 27 1.77 -14.89 -9.06
CA GLU B 27 2.65 -15.18 -7.94
C GLU B 27 1.83 -15.22 -6.65
N SER B 28 2.53 -15.37 -5.53
CA SER B 28 1.89 -15.40 -4.22
C SER B 28 1.99 -14.01 -3.59
N PHE B 29 0.86 -13.51 -3.10
CA PHE B 29 0.79 -12.21 -2.45
C PHE B 29 0.22 -12.38 -1.05
N ASN B 30 0.17 -11.28 -0.30
CA ASN B 30 -0.08 -11.36 1.13
C ASN B 30 -1.56 -11.50 1.49
N SER B 31 -2.24 -12.46 0.85
CA SER B 31 -3.63 -12.81 1.19
C SER B 31 -4.53 -11.57 1.20
N ASN B 32 -4.32 -10.68 0.24
CA ASN B 32 -5.10 -9.46 0.10
C ASN B 32 -5.83 -9.52 -1.23
N LEU B 33 -6.99 -10.16 -1.23
CA LEU B 33 -7.81 -10.29 -2.43
C LEU B 33 -9.22 -9.84 -2.12
N ALA B 34 -9.83 -9.14 -3.08
CA ALA B 34 -11.19 -8.64 -2.96
C ALA B 34 -12.00 -9.10 -4.16
N TRP B 35 -13.25 -9.44 -3.91
CA TRP B 35 -14.19 -9.81 -4.95
C TRP B 35 -15.16 -8.65 -5.18
N TYR B 36 -15.23 -8.19 -6.42
CA TYR B 36 -16.04 -7.04 -6.83
C TYR B 36 -17.13 -7.48 -7.77
N GLN B 37 -18.30 -6.84 -7.65
CA GLN B 37 -19.43 -7.08 -8.54
C GLN B 37 -19.76 -5.78 -9.25
N GLN B 38 -19.89 -5.86 -10.58
CA GLN B 38 -20.18 -4.69 -11.41
C GLN B 38 -21.33 -5.05 -12.35
N LYS B 39 -22.48 -4.41 -12.15
CA LYS B 39 -23.57 -4.51 -13.10
C LYS B 39 -23.30 -3.58 -14.29
N PRO B 40 -23.91 -3.86 -15.45
CA PRO B 40 -23.70 -2.98 -16.61
C PRO B 40 -24.14 -1.56 -16.30
N GLY B 41 -23.34 -0.60 -16.76
CA GLY B 41 -23.65 0.81 -16.54
C GLY B 41 -23.51 1.26 -15.11
N GLN B 42 -22.71 0.58 -14.30
CA GLN B 42 -22.54 0.94 -12.90
C GLN B 42 -21.09 0.73 -12.50
N ALA B 43 -20.71 1.36 -11.39
CA ALA B 43 -19.37 1.23 -10.86
C ALA B 43 -19.21 -0.07 -10.09
N PRO B 44 -17.99 -0.60 -10.02
CA PRO B 44 -17.76 -1.81 -9.22
C PRO B 44 -18.10 -1.58 -7.76
N ARG B 45 -18.66 -2.62 -7.13
CA ARG B 45 -19.09 -2.55 -5.75
C ARG B 45 -18.39 -3.64 -4.95
N LEU B 46 -17.87 -3.28 -3.78
CA LEU B 46 -17.20 -4.25 -2.92
C LEU B 46 -18.17 -5.35 -2.51
N LEU B 47 -17.73 -6.60 -2.66
CA LEU B 47 -18.49 -7.75 -2.23
C LEU B 47 -17.76 -8.57 -1.17
N ILE B 48 -16.49 -8.87 -1.40
CA ILE B 48 -15.65 -9.59 -0.45
C ILE B 48 -14.33 -8.86 -0.31
N TYR B 49 -13.84 -8.73 0.92
CA TYR B 49 -12.53 -8.17 1.19
C TYR B 49 -11.74 -9.11 2.09
N GLY B 50 -10.44 -9.19 1.86
CA GLY B 50 -9.61 -10.13 2.59
C GLY B 50 -9.71 -11.56 2.13
N ALA B 51 -10.44 -11.81 1.03
CA ALA B 51 -10.58 -13.11 0.39
C ALA B 51 -11.42 -14.07 1.22
N SER B 52 -11.81 -13.67 2.43
CA SER B 52 -12.66 -14.51 3.26
C SER B 52 -13.72 -13.74 4.04
N THR B 53 -13.75 -12.41 3.97
CA THR B 53 -14.65 -11.61 4.78
C THR B 53 -15.56 -10.79 3.88
N ARG B 54 -16.86 -10.83 4.19
CA ARG B 54 -17.84 -10.06 3.43
C ARG B 54 -17.86 -8.62 3.93
N ALA B 55 -18.22 -7.70 3.04
CA ALA B 55 -18.34 -6.30 3.39
C ALA B 55 -19.73 -6.01 3.93
N SER B 56 -19.97 -4.74 4.27
CA SER B 56 -21.27 -4.33 4.77
C SER B 56 -22.31 -4.40 3.66
N ASP B 57 -23.56 -4.65 4.06
CA ASP B 57 -24.71 -4.73 3.16
C ASP B 57 -24.56 -5.85 2.12
N VAL B 58 -23.64 -6.78 2.35
CA VAL B 58 -23.44 -7.90 1.44
C VAL B 58 -24.26 -9.09 1.92
N PRO B 59 -25.10 -9.67 1.05
CA PRO B 59 -25.91 -10.83 1.48
C PRO B 59 -25.02 -12.00 1.85
N ALA B 60 -25.54 -12.85 2.74
CA ALA B 60 -24.79 -13.97 3.27
C ALA B 60 -24.49 -15.04 2.23
N ARG B 61 -25.12 -14.99 1.06
CA ARG B 61 -24.88 -16.03 0.06
C ARG B 61 -23.45 -16.00 -0.44
N PHE B 62 -22.90 -14.81 -0.70
CA PHE B 62 -21.54 -14.71 -1.19
C PHE B 62 -20.55 -15.17 -0.13
N SER B 63 -19.55 -15.94 -0.54
CA SER B 63 -18.52 -16.39 0.40
C SER B 63 -17.23 -16.61 -0.36
N GLY B 64 -16.15 -15.94 0.05
CA GLY B 64 -14.85 -16.14 -0.52
C GLY B 64 -14.05 -17.15 0.26
N SER B 65 -13.15 -17.84 -0.43
CA SER B 65 -12.32 -18.86 0.20
C SER B 65 -11.07 -19.06 -0.65
N GLY B 66 -10.14 -19.85 -0.12
CA GLY B 66 -8.90 -20.11 -0.80
C GLY B 66 -7.79 -19.17 -0.37
N SER B 67 -6.56 -19.67 -0.45
CA SER B 67 -5.40 -18.88 -0.06
C SER B 67 -4.23 -19.25 -0.96
N GLY B 68 -3.24 -18.37 -1.01
CA GLY B 68 -2.08 -18.58 -1.84
C GLY B 68 -2.24 -17.96 -3.22
N THR B 69 -2.47 -18.80 -4.23
CA THR B 69 -2.67 -18.32 -5.59
C THR B 69 -3.99 -18.80 -6.19
N GLU B 70 -4.82 -19.47 -5.41
CA GLU B 70 -6.09 -20.01 -5.90
C GLU B 70 -7.21 -19.50 -4.99
N PHE B 71 -8.03 -18.60 -5.51
CA PHE B 71 -9.11 -18.00 -4.75
C PHE B 71 -10.45 -18.30 -5.41
N THR B 72 -11.45 -18.64 -4.60
CA THR B 72 -12.74 -19.08 -5.11
C THR B 72 -13.86 -18.30 -4.45
N LEU B 73 -14.80 -17.81 -5.26
CA LEU B 73 -16.01 -17.17 -4.77
C LEU B 73 -17.15 -18.14 -4.98
N THR B 74 -17.96 -18.35 -3.95
CA THR B 74 -19.10 -19.25 -4.00
C THR B 74 -20.37 -18.46 -3.66
N ILE B 75 -21.37 -18.58 -4.52
CA ILE B 75 -22.69 -18.01 -4.31
C ILE B 75 -23.63 -19.15 -3.97
N SER B 76 -24.32 -19.04 -2.82
CA SER B 76 -25.20 -20.12 -2.38
C SER B 76 -26.33 -20.35 -3.36
N SER B 77 -27.00 -19.28 -3.79
CA SER B 77 -28.10 -19.40 -4.75
C SER B 77 -28.33 -18.03 -5.39
N VAL B 78 -28.05 -17.93 -6.68
CA VAL B 78 -28.29 -16.69 -7.40
C VAL B 78 -29.79 -16.51 -7.62
N GLN B 79 -30.29 -15.30 -7.35
CA GLN B 79 -31.73 -15.01 -7.51
C GLN B 79 -31.92 -13.74 -8.35
N SER B 80 -31.93 -13.93 -9.67
CA SER B 80 -32.47 -12.96 -10.62
C SER B 80 -31.76 -11.61 -10.64
N GLU B 81 -30.78 -11.42 -9.77
CA GLU B 81 -30.11 -10.12 -9.70
C GLU B 81 -28.59 -10.19 -9.62
N ASP B 82 -28.01 -11.30 -9.17
CA ASP B 82 -26.57 -11.44 -9.09
C ASP B 82 -25.90 -11.69 -10.44
N PHE B 83 -26.62 -11.49 -11.55
CA PHE B 83 -26.07 -11.69 -12.88
C PHE B 83 -25.32 -10.41 -13.28
N ALA B 84 -24.02 -10.39 -13.03
CA ALA B 84 -23.18 -9.24 -13.33
C ALA B 84 -21.76 -9.73 -13.53
N VAL B 85 -20.85 -8.80 -13.74
CA VAL B 85 -19.44 -9.14 -13.96
C VAL B 85 -18.71 -9.13 -12.63
N TYR B 86 -18.02 -10.22 -12.32
CA TYR B 86 -17.29 -10.36 -11.06
C TYR B 86 -15.79 -10.30 -11.33
N TYR B 87 -15.09 -9.56 -10.49
CA TYR B 87 -13.65 -9.36 -10.63
C TYR B 87 -12.93 -9.73 -9.35
N CYS B 88 -11.69 -10.21 -9.50
CA CYS B 88 -10.80 -10.47 -8.38
C CYS B 88 -9.68 -9.45 -8.40
N GLN B 89 -9.71 -8.53 -7.44
CA GLN B 89 -8.69 -7.50 -7.29
C GLN B 89 -7.69 -7.95 -6.23
N GLN B 90 -6.42 -7.60 -6.42
CA GLN B 90 -5.37 -7.94 -5.46
C GLN B 90 -4.74 -6.65 -4.93
N TYR B 91 -5.09 -6.29 -3.70
CA TYR B 91 -4.46 -5.16 -3.03
C TYR B 91 -3.31 -5.63 -2.14
N GLY B 92 -2.41 -6.44 -2.71
CA GLY B 92 -1.24 -6.85 -1.97
C GLY B 92 -0.22 -5.75 -1.80
N ASP B 93 -0.26 -4.76 -2.69
CA ASP B 93 0.60 -3.59 -2.61
C ASP B 93 -0.26 -2.34 -2.44
N TRP B 94 -1.23 -2.41 -1.54
CA TRP B 94 -2.18 -1.33 -1.36
C TRP B 94 -1.45 -0.02 -1.07
N PRO B 95 -1.90 1.11 -1.64
CA PRO B 95 -3.10 1.29 -2.48
C PRO B 95 -2.90 0.99 -3.96
N LEU B 96 -2.03 0.07 -4.33
CA LEU B 96 -1.83 -0.31 -5.73
C LEU B 96 -2.41 -1.71 -5.95
N TRP B 97 -3.22 -1.85 -6.99
CA TRP B 97 -3.94 -3.10 -7.23
C TRP B 97 -4.11 -3.32 -8.72
N THR B 98 -4.37 -4.58 -9.07
CA THR B 98 -4.69 -4.98 -10.44
C THR B 98 -5.93 -5.85 -10.41
N PHE B 99 -6.82 -5.65 -11.38
CA PHE B 99 -8.08 -6.36 -11.42
C PHE B 99 -7.97 -7.62 -12.27
N GLY B 100 -9.07 -8.36 -12.34
CA GLY B 100 -9.16 -9.54 -13.18
C GLY B 100 -9.48 -9.18 -14.63
N GLN B 101 -10.34 -9.96 -15.27
CA GLN B 101 -10.72 -9.66 -16.65
C GLN B 101 -12.22 -9.75 -16.85
N GLY B 102 -12.91 -10.54 -16.05
CA GLY B 102 -14.35 -10.68 -16.18
C GLY B 102 -14.85 -12.10 -16.06
N THR B 103 -15.90 -12.29 -15.27
CA THR B 103 -16.54 -13.58 -15.06
C THR B 103 -18.05 -13.43 -15.17
N LYS B 104 -18.50 -12.79 -16.23
CA LYS B 104 -19.91 -12.46 -16.42
C LYS B 104 -20.79 -13.70 -16.25
N VAL B 105 -21.79 -13.59 -15.38
CA VAL B 105 -22.67 -14.70 -15.06
C VAL B 105 -23.96 -14.52 -15.84
N GLU B 106 -24.18 -15.42 -16.81
CA GLU B 106 -25.34 -15.33 -17.69
C GLU B 106 -26.43 -16.29 -17.23
N ILE B 107 -27.68 -15.85 -17.36
CA ILE B 107 -28.82 -16.68 -17.02
C ILE B 107 -28.97 -17.81 -18.04
N ASN C 1 36.67 -2.03 25.65
CA ASN C 1 35.22 -1.96 25.65
C ASN C 1 34.67 -2.17 24.24
N LEU C 2 34.22 -3.39 23.97
CA LEU C 2 33.69 -3.72 22.65
C LEU C 2 32.36 -2.99 22.42
N CYS C 3 31.81 -3.16 21.22
CA CYS C 3 30.63 -2.42 20.84
C CYS C 3 29.42 -3.34 20.76
N PRO C 4 28.28 -2.94 21.33
CA PRO C 4 27.08 -3.79 21.31
C PRO C 4 26.36 -3.80 19.96
N PHE C 5 26.99 -4.47 18.99
CA PHE C 5 26.36 -4.67 17.69
C PHE C 5 25.67 -6.02 17.56
N HIS C 6 26.11 -7.04 18.29
CA HIS C 6 25.43 -8.33 18.29
C HIS C 6 24.10 -8.29 19.03
N GLU C 7 23.94 -7.39 19.99
CA GLU C 7 22.68 -7.23 20.70
C GLU C 7 21.68 -6.38 19.93
N VAL C 8 22.12 -5.70 18.86
CA VAL C 8 21.19 -4.97 18.02
C VAL C 8 20.67 -5.87 16.91
N PHE C 9 21.55 -6.67 16.30
CA PHE C 9 21.13 -7.55 15.22
C PHE C 9 20.52 -8.84 15.78
N ASN C 10 21.30 -9.63 16.51
CA ASN C 10 20.84 -10.90 17.05
C ASN C 10 19.99 -10.68 18.31
N ALA C 11 18.89 -9.95 18.11
CA ALA C 11 17.94 -9.66 19.17
C ALA C 11 16.55 -10.09 18.73
N THR C 12 15.87 -10.85 19.59
CA THR C 12 14.54 -11.34 19.28
C THR C 12 13.51 -10.22 19.40
N THR C 13 12.42 -10.36 18.64
CA THR C 13 11.26 -9.48 18.72
C THR C 13 11.64 -8.03 18.46
N PHE C 14 12.06 -7.78 17.22
CA PHE C 14 12.27 -6.42 16.76
C PHE C 14 10.99 -5.61 16.90
N ALA C 15 11.12 -4.36 17.33
CA ALA C 15 9.97 -3.49 17.49
C ALA C 15 9.34 -3.19 16.13
N SER C 16 8.02 -3.00 16.15
CA SER C 16 7.30 -2.68 14.93
C SER C 16 7.72 -1.31 14.39
N VAL C 17 7.47 -1.10 13.11
CA VAL C 17 8.00 0.08 12.43
C VAL C 17 7.40 1.37 13.01
N TYR C 18 6.13 1.34 13.41
CA TYR C 18 5.52 2.55 13.94
C TYR C 18 6.09 2.97 15.28
N ALA C 19 6.81 2.08 15.96
CA ALA C 19 7.41 2.35 17.26
C ALA C 19 8.85 1.86 17.30
N TRP C 20 9.63 2.22 16.29
CA TRP C 20 11.02 1.81 16.24
C TRP C 20 11.78 2.39 17.42
N ASN C 21 12.77 1.63 17.91
CA ASN C 21 13.52 1.99 19.11
C ASN C 21 14.94 2.37 18.72
N ARG C 22 15.36 3.55 19.14
CA ARG C 22 16.74 3.99 18.95
C ARG C 22 17.65 3.31 19.96
N LYS C 23 18.88 3.03 19.53
CA LYS C 23 19.88 2.34 20.35
C LYS C 23 21.21 3.06 20.26
N ARG C 24 21.19 4.38 20.55
CA ARG C 24 22.36 5.24 20.50
C ARG C 24 23.60 4.55 21.05
N ILE C 25 24.67 4.53 20.25
CA ILE C 25 25.89 3.82 20.57
C ILE C 25 26.99 4.84 20.83
N SER C 26 27.68 4.69 21.96
CA SER C 26 28.78 5.57 22.31
C SER C 26 29.76 4.81 23.19
N ASN C 27 30.99 5.32 23.25
CA ASN C 27 32.06 4.75 24.06
C ASN C 27 32.31 3.28 23.68
N CYS C 28 32.73 3.08 22.44
CA CYS C 28 32.96 1.73 21.94
C CYS C 28 34.01 1.78 20.83
N VAL C 29 34.44 0.59 20.42
CA VAL C 29 35.52 0.40 19.45
C VAL C 29 34.96 -0.28 18.22
N ALA C 30 33.74 0.10 17.85
CA ALA C 30 32.88 -0.60 16.90
C ALA C 30 33.66 -1.21 15.74
N ASP C 31 33.52 -2.51 15.57
CA ASP C 31 34.10 -3.26 14.47
C ASP C 31 33.00 -3.64 13.49
N TYR C 32 32.97 -2.98 12.34
CA TYR C 32 31.89 -3.21 11.38
C TYR C 32 32.20 -4.45 10.54
N SER C 33 32.48 -5.55 11.20
CA SER C 33 32.69 -6.84 10.55
C SER C 33 31.70 -7.91 11.00
N VAL C 34 31.27 -7.88 12.27
CA VAL C 34 30.20 -8.77 12.70
C VAL C 34 28.91 -8.45 11.97
N ILE C 35 28.74 -7.20 11.54
CA ILE C 35 27.59 -6.84 10.71
C ILE C 35 27.67 -7.53 9.36
N TYR C 36 28.84 -7.46 8.72
CA TYR C 36 29.00 -8.01 7.37
C TYR C 36 28.91 -9.53 7.37
N ASN C 37 29.34 -10.19 8.45
CA ASN C 37 29.37 -11.64 8.52
C ASN C 37 28.13 -12.23 9.16
N PHE C 38 26.97 -11.59 8.98
CA PHE C 38 25.72 -12.04 9.60
C PHE C 38 24.64 -12.11 8.53
N ALA C 39 24.46 -13.32 7.97
CA ALA C 39 23.36 -13.67 7.07
C ALA C 39 23.47 -12.95 5.72
N PRO C 40 22.89 -13.51 4.65
CA PRO C 40 22.87 -12.83 3.35
C PRO C 40 21.86 -11.69 3.36
N PHE C 41 22.35 -10.46 3.28
CA PHE C 41 21.48 -9.30 3.33
C PHE C 41 20.70 -9.14 2.04
N PHE C 42 19.42 -8.78 2.18
CA PHE C 42 18.60 -8.49 1.01
C PHE C 42 18.92 -7.14 0.39
N ALA C 43 19.41 -6.20 1.18
CA ALA C 43 19.76 -4.87 0.67
C ALA C 43 20.75 -4.24 1.64
N PHE C 44 21.92 -3.85 1.12
CA PHE C 44 22.97 -3.24 1.92
C PHE C 44 23.31 -1.86 1.41
N LYS C 45 22.27 -1.06 1.13
CA LYS C 45 22.49 0.29 0.63
C LYS C 45 23.10 1.16 1.74
N CYS C 46 24.20 1.82 1.43
CA CYS C 46 24.83 2.76 2.35
C CYS C 46 24.89 4.12 1.66
N TYR C 47 24.31 5.12 2.30
CA TYR C 47 24.20 6.46 1.74
C TYR C 47 25.15 7.40 2.46
N GLY C 48 25.94 8.15 1.69
CA GLY C 48 26.80 9.18 2.24
C GLY C 48 28.21 8.73 2.57
N VAL C 49 28.43 7.44 2.82
CA VAL C 49 29.74 6.92 3.12
C VAL C 49 29.97 5.65 2.33
N SER C 50 31.24 5.28 2.18
CA SER C 50 31.61 4.04 1.51
C SER C 50 31.61 2.91 2.52
N PRO C 51 30.81 1.86 2.33
CA PRO C 51 30.79 0.76 3.30
C PRO C 51 32.12 0.05 3.45
N THR C 52 32.98 0.10 2.44
CA THR C 52 34.29 -0.54 2.54
C THR C 52 35.25 0.22 3.45
N LYS C 53 34.96 1.48 3.77
CA LYS C 53 35.83 2.29 4.61
C LYS C 53 35.20 2.56 5.98
N LEU C 54 34.10 1.89 6.32
CA LEU C 54 33.44 2.12 7.59
C LEU C 54 34.30 1.72 8.78
N ASN C 55 35.32 0.90 8.57
CA ASN C 55 36.19 0.46 9.65
C ASN C 55 37.28 1.47 9.98
N ASP C 56 37.36 2.57 9.23
CA ASP C 56 38.41 3.56 9.42
C ASP C 56 37.93 4.88 10.01
N LEU C 57 36.79 5.39 9.54
CA LEU C 57 36.30 6.67 10.01
C LEU C 57 35.82 6.59 11.46
N CYS C 58 36.12 7.62 12.24
CA CYS C 58 35.53 7.80 13.56
C CYS C 58 34.51 8.93 13.53
N PHE C 59 33.34 8.67 14.09
CA PHE C 59 32.25 9.62 14.20
C PHE C 59 32.13 10.07 15.66
N THR C 60 31.13 10.90 15.91
CA THR C 60 30.78 11.28 17.28
C THR C 60 29.65 10.44 17.85
N ASN C 61 28.62 10.14 17.06
CA ASN C 61 27.54 9.31 17.58
C ASN C 61 26.91 8.50 16.47
N VAL C 62 26.64 7.22 16.73
CA VAL C 62 25.98 6.34 15.79
C VAL C 62 24.73 5.77 16.43
N TYR C 63 23.61 5.89 15.74
CA TYR C 63 22.33 5.35 16.17
C TYR C 63 21.98 4.11 15.36
N ALA C 64 21.26 3.19 16.00
CA ALA C 64 20.76 1.98 15.35
C ALA C 64 19.27 1.85 15.61
N ASP C 65 18.53 1.42 14.59
CA ASP C 65 17.09 1.24 14.69
C ASP C 65 16.71 -0.19 14.31
N SER C 66 15.50 -0.59 14.71
CA SER C 66 15.05 -1.95 14.51
C SER C 66 13.62 -1.94 13.99
N PHE C 67 13.42 -2.49 12.80
CA PHE C 67 12.13 -2.52 12.12
C PHE C 67 11.69 -3.95 11.90
N VAL C 68 10.44 -4.09 11.50
CA VAL C 68 9.93 -5.28 10.81
C VAL C 68 8.93 -4.76 9.78
N ILE C 69 9.29 -4.85 8.50
CA ILE C 69 8.47 -4.28 7.43
C ILE C 69 8.35 -5.30 6.31
N ARG C 70 7.43 -5.02 5.39
CA ARG C 70 7.20 -5.87 4.23
C ARG C 70 8.43 -5.85 3.31
N GLY C 71 8.54 -6.89 2.49
CA GLY C 71 9.65 -6.98 1.56
C GLY C 71 9.67 -5.90 0.49
N ASN C 72 8.50 -5.47 0.03
CA ASN C 72 8.44 -4.42 -0.97
C ASN C 72 8.61 -3.03 -0.39
N GLU C 73 8.53 -2.88 0.94
CA GLU C 73 8.63 -1.59 1.58
C GLU C 73 10.06 -1.25 2.01
N VAL C 74 11.01 -2.16 1.86
CA VAL C 74 12.38 -1.85 2.21
C VAL C 74 12.98 -0.83 1.25
N SER C 75 12.41 -0.69 0.06
CA SER C 75 12.87 0.32 -0.89
C SER C 75 12.46 1.73 -0.49
N GLN C 76 11.54 1.88 0.47
CA GLN C 76 11.13 3.19 0.94
C GLN C 76 12.05 3.74 2.02
N ILE C 77 12.95 2.92 2.57
CA ILE C 77 13.89 3.38 3.58
C ILE C 77 15.10 3.92 2.82
N ALA C 78 15.00 5.17 2.40
CA ALA C 78 16.04 5.84 1.63
C ALA C 78 15.75 7.33 1.61
N PRO C 79 16.76 8.18 1.50
CA PRO C 79 16.51 9.63 1.46
C PRO C 79 15.67 10.00 0.24
N GLY C 80 14.76 10.95 0.45
CA GLY C 80 13.95 11.47 -0.64
C GLY C 80 13.03 10.46 -1.29
N GLN C 81 12.36 9.63 -0.50
CA GLN C 81 11.39 8.68 -1.03
C GLN C 81 10.11 8.76 -0.22
N THR C 82 8.99 8.48 -0.88
CA THR C 82 7.68 8.58 -0.28
C THR C 82 6.94 7.25 -0.41
N GLY C 83 5.97 7.05 0.47
CA GLY C 83 5.17 5.85 0.48
C GLY C 83 4.26 5.80 1.69
N ASN C 84 3.97 4.60 2.20
CA ASN C 84 3.23 4.47 3.44
C ASN C 84 4.12 4.19 4.64
N ILE C 85 5.36 3.76 4.41
CA ILE C 85 6.32 3.57 5.47
C ILE C 85 7.19 4.80 5.66
N ALA C 86 7.63 5.41 4.56
CA ALA C 86 8.51 6.58 4.60
C ALA C 86 7.76 7.89 4.75
N ASP C 87 6.47 7.84 5.01
CA ASP C 87 5.70 9.07 5.18
C ASP C 87 5.06 9.19 6.55
N TYR C 88 4.57 8.08 7.10
CA TYR C 88 3.88 8.11 8.39
C TYR C 88 4.57 7.29 9.47
N ASN C 89 5.62 6.54 9.13
CA ASN C 89 6.27 5.64 10.08
C ASN C 89 7.73 5.98 10.32
N TYR C 90 8.53 6.15 9.27
CA TYR C 90 9.96 6.41 9.42
C TYR C 90 10.42 7.26 8.25
N LYS C 91 10.80 8.51 8.54
CA LYS C 91 11.24 9.45 7.52
C LYS C 91 12.73 9.68 7.68
N LEU C 92 13.50 9.24 6.69
CA LEU C 92 14.93 9.51 6.67
C LEU C 92 15.20 10.93 6.16
N PRO C 93 16.24 11.58 6.66
CA PRO C 93 16.56 12.93 6.19
C PRO C 93 17.06 12.90 4.75
N ASP C 94 17.09 14.08 4.14
CA ASP C 94 17.57 14.23 2.77
C ASP C 94 19.09 14.25 2.68
N ASP C 95 19.78 14.39 3.79
CA ASP C 95 21.25 14.42 3.84
C ASP C 95 21.79 13.23 4.64
N PHE C 96 21.08 12.11 4.57
CA PHE C 96 21.41 10.93 5.37
C PHE C 96 22.82 10.44 5.09
N THR C 97 23.53 10.03 6.15
CA THR C 97 24.86 9.45 6.06
C THR C 97 24.86 8.16 6.88
N GLY C 98 24.48 7.05 6.25
CA GLY C 98 24.40 5.80 6.97
C GLY C 98 24.10 4.65 6.04
N CYS C 99 23.66 3.54 6.63
CA CYS C 99 23.40 2.30 5.90
C CYS C 99 22.00 1.80 6.22
N VAL C 100 21.46 1.01 5.29
CA VAL C 100 20.06 0.59 5.32
C VAL C 100 19.96 -0.93 5.34
N ILE C 101 20.87 -1.60 6.04
CA ILE C 101 20.93 -3.05 6.14
C ILE C 101 19.55 -3.65 6.39
N ALA C 102 19.22 -4.72 5.67
CA ALA C 102 17.92 -5.37 5.79
C ALA C 102 18.05 -6.87 5.54
N TRP C 103 17.41 -7.67 6.38
CA TRP C 103 17.48 -9.11 6.28
C TRP C 103 16.30 -9.63 5.45
N ASN C 104 16.06 -10.94 5.52
CA ASN C 104 14.85 -11.56 4.98
C ASN C 104 14.32 -12.58 5.98
N SER C 105 14.23 -12.17 7.24
CA SER C 105 13.87 -13.08 8.33
C SER C 105 12.41 -13.50 8.17
N ASN C 106 12.19 -14.75 7.78
CA ASN C 106 10.85 -15.31 7.66
C ASN C 106 10.59 -16.48 8.59
N LYS C 107 11.64 -17.18 9.02
CA LYS C 107 11.48 -18.34 9.89
C LYS C 107 11.31 -17.97 11.35
N LEU C 108 11.56 -16.72 11.73
CA LEU C 108 11.38 -16.26 13.10
C LEU C 108 10.01 -15.63 13.32
N ASP C 109 9.62 -14.70 12.45
CA ASP C 109 8.29 -14.11 12.47
C ASP C 109 7.34 -14.98 11.64
N SER C 110 6.16 -14.46 11.34
CA SER C 110 5.22 -15.11 10.43
C SER C 110 4.81 -16.50 10.94
N LYS C 111 4.08 -16.48 12.05
CA LYS C 111 3.52 -17.71 12.59
C LYS C 111 2.53 -18.31 11.58
N PRO C 112 2.35 -19.64 11.59
CA PRO C 112 1.43 -20.27 10.62
C PRO C 112 0.03 -19.69 10.64
N SER C 113 -0.51 -19.40 11.83
CA SER C 113 -1.85 -18.82 11.91
C SER C 113 -1.86 -17.35 11.52
N GLY C 114 -0.74 -16.66 11.71
CA GLY C 114 -0.66 -15.24 11.39
C GLY C 114 -0.05 -14.44 12.52
N ASN C 115 1.01 -13.69 12.22
CA ASN C 115 1.69 -12.87 13.22
C ASN C 115 1.04 -11.49 13.21
N TYR C 116 0.27 -11.19 14.26
CA TYR C 116 -0.42 -9.91 14.37
C TYR C 116 0.26 -8.97 15.35
N ASN C 117 1.48 -9.27 15.78
CA ASN C 117 2.19 -8.42 16.71
C ASN C 117 2.90 -7.25 16.04
N TYR C 118 3.00 -7.25 14.72
CA TYR C 118 3.67 -6.19 13.98
C TYR C 118 2.63 -5.25 13.39
N LEU C 119 2.68 -3.98 13.79
CA LEU C 119 1.72 -2.98 13.39
C LEU C 119 2.43 -1.83 12.69
N TYR C 120 1.80 -1.30 11.63
CA TYR C 120 2.31 -0.14 10.93
C TYR C 120 1.20 0.88 10.76
N ARG C 121 1.57 2.15 10.82
CA ARG C 121 0.60 3.24 10.71
C ARG C 121 0.42 3.63 9.25
N LEU C 122 -0.83 3.65 8.80
CA LEU C 122 -1.15 4.08 7.45
C LEU C 122 -2.00 5.35 7.42
N PHE C 123 -2.35 5.90 8.57
CA PHE C 123 -3.21 7.08 8.66
C PHE C 123 -2.52 8.15 9.48
N ARG C 124 -2.39 9.34 8.88
CA ARG C 124 -1.81 10.48 9.58
C ARG C 124 -2.25 11.76 8.88
N LYS C 125 -2.37 12.84 9.65
CA LYS C 125 -2.79 14.11 9.09
C LYS C 125 -1.76 14.64 8.10
N SER C 126 -0.47 14.49 8.42
CA SER C 126 0.60 15.04 7.61
C SER C 126 1.79 14.10 7.62
N LYS C 127 2.69 14.29 6.67
CA LYS C 127 3.88 13.46 6.56
C LYS C 127 4.79 13.65 7.76
N LEU C 128 5.54 12.60 8.07
CA LEU C 128 6.42 12.64 9.24
C LEU C 128 7.64 13.51 8.99
N LYS C 129 7.95 14.36 9.96
CA LYS C 129 9.21 15.08 9.94
C LYS C 129 10.36 14.08 10.08
N PRO C 130 11.49 14.31 9.41
CA PRO C 130 12.58 13.32 9.44
C PRO C 130 13.02 13.01 10.86
N PHE C 131 13.25 11.71 11.11
CA PHE C 131 13.68 11.22 12.41
C PHE C 131 12.72 11.62 13.52
N GLU C 132 11.44 11.29 13.32
CA GLU C 132 10.40 11.52 14.32
C GLU C 132 9.63 10.23 14.55
N ARG C 133 9.22 10.01 15.79
CA ARG C 133 8.45 8.83 16.18
C ARG C 133 7.09 9.28 16.69
N ASP C 134 6.03 8.67 16.18
CA ASP C 134 4.66 9.01 16.55
C ASP C 134 3.98 7.77 17.13
N ILE C 135 4.14 7.57 18.42
CA ILE C 135 3.38 6.54 19.14
C ILE C 135 2.07 7.20 19.55
N SER C 136 1.01 6.89 18.81
CA SER C 136 -0.31 7.45 19.07
C SER C 136 -1.36 6.50 18.54
N THR C 137 -2.43 6.31 19.32
CA THR C 137 -3.54 5.46 18.91
C THR C 137 -4.84 6.23 18.82
N GLU C 138 -4.78 7.56 18.70
CA GLU C 138 -5.99 8.36 18.57
C GLU C 138 -6.71 8.02 17.27
N ILE C 139 -8.04 8.00 17.33
CA ILE C 139 -8.84 7.63 16.17
C ILE C 139 -8.69 8.69 15.09
N TYR C 140 -8.36 8.25 13.87
CA TYR C 140 -8.16 9.16 12.76
C TYR C 140 -9.50 9.69 12.27
N GLN C 141 -9.61 11.01 12.16
CA GLN C 141 -10.85 11.65 11.74
C GLN C 141 -10.85 11.75 10.21
N ALA C 142 -11.15 10.63 9.56
CA ALA C 142 -11.11 10.56 8.10
C ALA C 142 -12.30 11.22 7.43
N GLY C 143 -13.33 11.58 8.19
CA GLY C 143 -14.49 12.22 7.61
C GLY C 143 -14.61 13.68 7.99
N ASN C 144 -15.82 14.11 8.36
CA ASN C 144 -16.08 15.48 8.78
C ASN C 144 -16.62 15.55 10.20
N LYS C 145 -17.52 14.65 10.56
CA LYS C 145 -18.07 14.63 11.91
C LYS C 145 -16.99 14.21 12.90
N PRO C 146 -17.02 14.74 14.12
CA PRO C 146 -16.02 14.35 15.11
C PRO C 146 -16.16 12.90 15.53
N CYS C 147 -15.02 12.29 15.88
CA CYS C 147 -14.99 10.90 16.31
C CYS C 147 -15.28 10.74 17.80
N ASN C 148 -14.58 11.51 18.63
CA ASN C 148 -14.75 11.48 20.08
C ASN C 148 -14.53 10.07 20.64
N GLY C 149 -13.48 9.43 20.19
CA GLY C 149 -13.08 8.13 20.73
C GLY C 149 -13.60 6.89 20.03
N VAL C 150 -14.89 6.86 19.71
CA VAL C 150 -15.49 5.67 19.10
C VAL C 150 -14.92 5.47 17.70
N ALA C 151 -14.79 4.20 17.32
CA ALA C 151 -14.29 3.85 15.99
C ALA C 151 -15.45 3.60 15.03
N GLY C 152 -16.29 4.60 14.83
CA GLY C 152 -17.45 4.46 13.97
C GLY C 152 -17.12 4.76 12.52
N PRO C 153 -18.15 4.98 11.71
CA PRO C 153 -17.93 5.32 10.30
C PRO C 153 -17.10 6.58 10.15
N ASN C 154 -16.21 6.59 9.16
CA ASN C 154 -15.29 7.70 8.90
C ASN C 154 -14.46 8.01 10.14
N CYS C 155 -14.17 6.97 10.94
CA CYS C 155 -13.38 7.11 12.17
C CYS C 155 -12.61 5.79 12.33
N TYR C 156 -11.37 5.79 11.87
CA TYR C 156 -10.60 4.57 11.76
C TYR C 156 -9.41 4.58 12.71
N SER C 157 -8.99 3.38 13.11
CA SER C 157 -7.77 3.20 13.89
C SER C 157 -6.55 3.26 12.98
N PRO C 158 -5.56 4.09 13.29
CA PRO C 158 -4.44 4.27 12.34
C PRO C 158 -3.60 3.02 12.15
N LEU C 159 -3.27 2.33 13.23
CA LEU C 159 -2.39 1.17 13.15
C LEU C 159 -3.10 0.00 12.47
N GLN C 160 -2.39 -0.67 11.56
CA GLN C 160 -2.90 -1.86 10.89
C GLN C 160 -1.88 -2.99 11.06
N SER C 161 -2.38 -4.20 11.26
CA SER C 161 -1.54 -5.36 11.48
C SER C 161 -1.06 -5.93 10.15
N TYR C 162 0.23 -6.25 10.09
CA TYR C 162 0.78 -6.85 8.88
C TYR C 162 0.20 -8.23 8.61
N GLY C 163 0.02 -9.02 9.65
CA GLY C 163 -0.53 -10.36 9.50
C GLY C 163 0.35 -11.31 8.70
N PHE C 164 1.64 -11.33 9.04
CA PHE C 164 2.57 -12.21 8.33
C PHE C 164 2.25 -13.68 8.58
N ARG C 165 2.57 -14.51 7.59
CA ARG C 165 2.43 -15.95 7.70
C ARG C 165 3.40 -16.59 6.70
N PRO C 166 3.88 -17.82 6.98
CA PRO C 166 4.93 -18.44 6.16
C PRO C 166 4.41 -19.04 4.85
N THR C 167 3.57 -18.27 4.15
CA THR C 167 3.09 -18.67 2.84
C THR C 167 3.10 -17.53 1.83
N TYR C 168 3.34 -16.29 2.27
CA TYR C 168 3.33 -15.15 1.38
C TYR C 168 4.53 -15.19 0.44
N GLY C 169 4.49 -14.32 -0.56
CA GLY C 169 5.57 -14.24 -1.52
C GLY C 169 6.85 -13.68 -0.91
N VAL C 170 7.89 -13.67 -1.74
CA VAL C 170 9.18 -13.16 -1.29
C VAL C 170 9.08 -11.68 -0.97
N GLY C 171 8.28 -10.94 -1.73
CA GLY C 171 8.12 -9.53 -1.51
C GLY C 171 7.20 -9.14 -0.38
N HIS C 172 6.57 -10.10 0.29
CA HIS C 172 5.64 -9.81 1.37
C HIS C 172 5.99 -10.50 2.68
N GLN C 173 7.06 -11.29 2.73
CA GLN C 173 7.47 -11.92 3.96
C GLN C 173 8.04 -10.88 4.92
N PRO C 174 8.13 -11.20 6.21
CA PRO C 174 8.74 -10.27 7.16
C PRO C 174 10.18 -9.96 6.78
N TYR C 175 10.56 -8.69 6.94
CA TYR C 175 11.89 -8.20 6.62
C TYR C 175 12.36 -7.36 7.80
N ARG C 176 13.40 -7.82 8.49
CA ARG C 176 14.00 -7.04 9.56
C ARG C 176 14.97 -6.03 8.98
N VAL C 177 14.82 -4.77 9.36
CA VAL C 177 15.61 -3.68 8.84
C VAL C 177 16.32 -2.99 10.00
N VAL C 178 17.63 -2.81 9.87
CA VAL C 178 18.42 -2.07 10.85
C VAL C 178 19.18 -0.99 10.10
N VAL C 179 18.95 0.27 10.45
CA VAL C 179 19.59 1.41 9.82
C VAL C 179 20.54 2.04 10.83
N LEU C 180 21.79 2.25 10.42
CA LEU C 180 22.80 2.89 11.24
C LEU C 180 23.00 4.31 10.74
N SER C 181 22.88 5.28 11.64
CA SER C 181 23.03 6.69 11.30
C SER C 181 24.25 7.24 12.02
N PHE C 182 25.17 7.85 11.27
CA PHE C 182 26.39 8.41 11.81
C PHE C 182 26.30 9.93 11.83
N GLU C 183 26.62 10.54 12.97
CA GLU C 183 26.80 11.98 13.03
C GLU C 183 28.22 12.29 13.49
N LEU C 184 28.90 13.13 12.71
CA LEU C 184 30.22 13.66 12.99
C LEU C 184 30.14 15.17 13.08
N LEU C 185 30.69 15.73 14.14
CA LEU C 185 30.66 17.16 14.38
C LEU C 185 31.82 17.53 15.31
N HIS C 186 31.77 18.74 15.88
CA HIS C 186 32.90 19.30 16.61
C HIS C 186 33.25 18.51 17.87
N ALA C 187 32.37 17.64 18.36
CA ALA C 187 32.70 16.83 19.51
C ALA C 187 33.83 15.86 19.17
N PRO C 188 34.66 15.49 20.14
CA PRO C 188 35.77 14.58 19.86
C PRO C 188 35.27 13.22 19.38
N ALA C 189 36.05 12.62 18.49
CA ALA C 189 35.70 11.31 17.95
C ALA C 189 35.68 10.26 19.06
N THR C 190 34.71 9.36 19.00
CA THR C 190 34.51 8.39 20.07
C THR C 190 34.45 6.96 19.54
N VAL C 191 33.81 6.76 18.40
CA VAL C 191 33.48 5.43 17.90
C VAL C 191 34.20 5.22 16.57
N CYS C 192 35.14 4.27 16.55
CA CYS C 192 35.65 3.71 15.31
C CYS C 192 36.35 2.38 15.62
N GLY C 193 36.70 1.67 14.56
CA GLY C 193 37.36 0.40 14.68
C GLY C 193 38.79 0.53 15.14
N PRO C 194 39.50 -0.59 15.27
CA PRO C 194 40.91 -0.53 15.68
C PRO C 194 41.77 0.27 14.72
N LYS C 195 41.44 0.27 13.43
CA LYS C 195 42.16 1.08 12.46
C LYS C 195 41.66 2.51 12.53
N LYS C 196 42.58 3.46 12.65
CA LYS C 196 42.22 4.86 12.74
C LYS C 196 42.59 5.61 11.47
#